data_3P3A
#
_entry.id   3P3A
#
_cell.length_a   56.220
_cell.length_b   83.370
_cell.length_c   146.820
_cell.angle_alpha   90.000
_cell.angle_beta   90.000
_cell.angle_gamma   90.000
#
_symmetry.space_group_name_H-M   'P 21 21 21'
#
loop_
_entity.id
_entity.type
_entity.pdbx_description
1 polymer 'Thiosulfate sulfurtransferase'
2 water water
#
_entity_poly.entity_id   1
_entity_poly.type   'polypeptide(L)'
_entity_poly.pdbx_seq_one_letter_code
;MAHHHHHHMGTLEAQTQGPGSMVSLPADPSPELKQYAHPERLVTADWLASNLGRPGLVIVESDEDVLLYDTGHIPGAVKI
DWHTDLNDPAVRDYINGEQFAALMDRKGVTRDDTVVIYGDKSNWWAAYAMWVFHLFGHPDVRLLDGGRDLWVSTGRDTTL
EVPTRQTSGYPVVERNDAPIRAFKDDVLRVLGKEPLIDVRSPQEYTGERTHMPDYPEEGALRGGHIPTAVSVPWSKAAYD
DGRFRARAELEEIYGFVKPDDKPIVYCRIGERSSHTWFVLTYLLGHPNVRNYDGSWTEWGNAVRVPIVVGPEPGEAPGTS
;
_entity_poly.pdbx_strand_id   A,B
#
# COMPACT_ATOMS: atom_id res chain seq x y z
N LEU A 25 14.75 41.23 8.13
CA LEU A 25 14.83 41.00 6.65
C LEU A 25 13.46 41.22 5.99
N PRO A 26 13.30 42.36 5.29
CA PRO A 26 11.99 42.66 4.70
C PRO A 26 11.60 41.72 3.53
N ALA A 27 10.31 41.71 3.19
CA ALA A 27 9.77 41.04 2.01
C ALA A 27 10.40 41.60 0.72
N ASP A 28 10.53 40.74 -0.29
CA ASP A 28 11.01 41.15 -1.63
C ASP A 28 10.01 42.16 -2.31
N PRO A 29 10.44 43.43 -2.53
CA PRO A 29 9.50 44.42 -3.08
C PRO A 29 9.30 44.41 -4.60
N SER A 30 9.87 43.44 -5.30
CA SER A 30 9.73 43.37 -6.79
C SER A 30 8.26 43.45 -7.24
N PRO A 31 7.96 44.35 -8.22
CA PRO A 31 6.58 44.47 -8.70
C PRO A 31 6.00 43.19 -9.35
N GLU A 32 6.84 42.30 -9.91
CA GLU A 32 6.34 41.03 -10.51
C GLU A 32 5.65 40.04 -9.52
N LEU A 33 5.73 40.33 -8.22
CA LEU A 33 5.10 39.51 -7.18
C LEU A 33 3.73 40.05 -6.68
N LYS A 34 3.42 41.32 -6.94
CA LYS A 34 2.20 41.98 -6.39
C LYS A 34 0.86 41.38 -6.88
N GLN A 35 0.90 40.63 -8.00
CA GLN A 35 -0.30 39.97 -8.55
C GLN A 35 -0.85 38.85 -7.63
N TYR A 36 0.00 38.33 -6.73
CA TYR A 36 -0.37 37.18 -5.87
C TYR A 36 -1.00 37.63 -4.54
N ALA A 37 -1.77 36.74 -3.89
CA ALA A 37 -2.53 37.11 -2.66
C ALA A 37 -1.62 37.36 -1.47
N HIS A 38 -0.53 36.59 -1.34
CA HIS A 38 0.47 36.74 -0.24
C HIS A 38 1.90 36.79 -0.78
N PRO A 39 2.30 37.90 -1.42
CA PRO A 39 3.60 37.97 -2.14
C PRO A 39 4.84 37.79 -1.26
N GLU A 40 4.71 37.98 0.05
CA GLU A 40 5.85 37.82 0.97
C GLU A 40 6.37 36.37 1.11
N ARG A 41 5.60 35.39 0.63
CA ARG A 41 6.03 33.99 0.71
C ARG A 41 6.89 33.54 -0.50
N LEU A 42 7.19 34.48 -1.42
CA LEU A 42 8.10 34.28 -2.56
C LEU A 42 9.27 35.26 -2.59
N VAL A 43 10.44 34.81 -3.07
CA VAL A 43 11.53 35.69 -3.53
C VAL A 43 11.94 35.41 -5.00
N THR A 44 12.46 36.46 -5.68
CA THR A 44 13.04 36.37 -7.03
C THR A 44 14.54 36.03 -6.97
N ALA A 45 15.08 35.55 -8.09
CA ALA A 45 16.51 35.24 -8.20
C ALA A 45 17.43 36.47 -8.03
N ASP A 46 17.01 37.62 -8.58
CA ASP A 46 17.75 38.89 -8.42
C ASP A 46 17.85 39.34 -6.95
N TRP A 47 16.75 39.23 -6.19
CA TRP A 47 16.74 39.53 -4.75
C TRP A 47 17.72 38.62 -4.00
N LEU A 48 17.69 37.32 -4.32
CA LEU A 48 18.53 36.36 -3.60
C LEU A 48 20.00 36.61 -3.85
N ALA A 49 20.38 36.77 -5.11
CA ALA A 49 21.78 37.12 -5.49
C ALA A 49 22.26 38.38 -4.78
N SER A 50 21.37 39.39 -4.66
CA SER A 50 21.67 40.64 -3.94
C SER A 50 21.89 40.48 -2.44
N ASN A 51 21.33 39.41 -1.85
CA ASN A 51 21.35 39.21 -0.39
C ASN A 51 22.18 38.00 0.10
N LEU A 52 22.91 37.33 -0.81
CA LEU A 52 23.73 36.17 -0.43
C LEU A 52 24.72 36.50 0.68
N GLY A 53 24.80 35.63 1.70
CA GLY A 53 25.75 35.79 2.79
C GLY A 53 25.36 36.78 3.90
N ARG A 54 24.21 37.43 3.77
CA ARG A 54 23.70 38.36 4.78
C ARG A 54 23.34 37.68 6.14
N PRO A 55 23.51 38.38 7.28
CA PRO A 55 23.11 37.78 8.58
C PRO A 55 21.60 37.57 8.68
N GLY A 56 21.19 36.44 9.25
CA GLY A 56 19.78 36.21 9.51
C GLY A 56 19.07 35.47 8.38
N LEU A 57 19.83 35.05 7.37
CA LEU A 57 19.30 34.31 6.21
C LEU A 57 19.96 32.93 6.03
N VAL A 58 19.15 31.87 5.93
CA VAL A 58 19.65 30.52 5.67
C VAL A 58 19.00 29.97 4.40
N ILE A 59 19.82 29.41 3.50
CA ILE A 59 19.33 28.85 2.22
C ILE A 59 19.39 27.31 2.26
N VAL A 60 18.27 26.65 1.89
CA VAL A 60 18.08 25.19 1.96
C VAL A 60 17.72 24.58 0.59
N GLU A 61 18.50 23.59 0.13
CA GLU A 61 18.16 22.86 -1.10
C GLU A 61 17.42 21.55 -0.76
N SER A 62 16.26 21.34 -1.39
CA SER A 62 15.47 20.11 -1.20
C SER A 62 14.97 19.48 -2.54
N ASP A 63 15.50 18.29 -2.87
CA ASP A 63 15.26 17.58 -4.14
C ASP A 63 14.76 16.16 -3.88
N GLU A 64 14.00 15.57 -4.82
CA GLU A 64 13.72 14.12 -4.74
C GLU A 64 15.00 13.29 -4.85
N ASP A 65 15.86 13.65 -5.80
CA ASP A 65 17.18 13.02 -5.93
C ASP A 65 18.17 13.53 -4.87
N VAL A 66 18.47 12.67 -3.90
CA VAL A 66 19.28 13.02 -2.73
C VAL A 66 20.78 13.25 -3.03
N LEU A 67 21.22 12.90 -4.25
CA LEU A 67 22.62 13.10 -4.66
C LEU A 67 22.84 14.40 -5.47
N LEU A 68 21.75 15.07 -5.86
CA LEU A 68 21.85 16.21 -6.77
C LEU A 68 22.64 17.41 -6.21
N TYR A 69 22.41 17.72 -4.94
CA TYR A 69 23.13 18.77 -4.21
C TYR A 69 24.65 18.67 -4.36
N ASP A 70 25.17 17.46 -4.18
CA ASP A 70 26.63 17.24 -4.22
C ASP A 70 27.26 17.44 -5.59
N THR A 71 26.43 17.58 -6.64
CA THR A 71 26.92 17.93 -7.99
C THR A 71 27.02 19.45 -8.20
N GLY A 72 26.43 20.23 -7.29
CA GLY A 72 26.55 21.70 -7.31
C GLY A 72 25.31 22.34 -6.69
N HIS A 73 25.47 23.46 -6.01
CA HIS A 73 24.38 24.14 -5.32
C HIS A 73 24.70 25.62 -5.19
N ILE A 74 23.71 26.40 -4.77
CA ILE A 74 23.86 27.85 -4.53
C ILE A 74 24.91 28.05 -3.42
N PRO A 75 25.79 29.09 -3.52
CA PRO A 75 26.80 29.29 -2.46
C PRO A 75 26.19 29.55 -1.10
N GLY A 76 26.70 28.87 -0.07
CA GLY A 76 26.17 28.94 1.31
C GLY A 76 24.98 28.01 1.65
N ALA A 77 24.40 27.34 0.64
CA ALA A 77 23.21 26.46 0.86
C ALA A 77 23.50 25.18 1.62
N VAL A 78 22.59 24.80 2.54
CA VAL A 78 22.61 23.48 3.20
C VAL A 78 21.58 22.52 2.60
N LYS A 79 21.76 21.22 2.85
CA LYS A 79 20.91 20.18 2.27
C LYS A 79 19.94 19.61 3.31
N ILE A 80 18.69 19.39 2.91
CA ILE A 80 17.73 18.54 3.67
C ILE A 80 17.42 17.32 2.82
N ASP A 81 17.50 16.13 3.41
CA ASP A 81 17.29 14.85 2.74
C ASP A 81 16.01 14.22 3.27
N TRP A 82 15.00 14.17 2.42
CA TRP A 82 13.63 13.81 2.84
C TRP A 82 13.47 12.42 3.49
N HIS A 83 14.28 11.46 3.03
CA HIS A 83 14.20 10.12 3.60
CA HIS A 83 14.29 10.11 3.56
C HIS A 83 14.75 10.10 5.02
N THR A 84 16.03 10.42 5.19
CA THR A 84 16.66 10.34 6.50
C THR A 84 16.31 11.46 7.49
N ASP A 85 16.02 12.67 7.01
CA ASP A 85 15.84 13.83 7.91
C ASP A 85 14.41 14.06 8.43
N LEU A 86 13.38 13.77 7.64
CA LEU A 86 12.03 14.22 7.95
C LEU A 86 11.00 13.13 8.34
N ASN A 87 11.35 11.85 8.13
CA ASN A 87 10.49 10.67 8.42
C ASN A 87 10.92 9.88 9.65
N ASP A 88 9.95 9.35 10.40
CA ASP A 88 10.22 8.41 11.49
C ASP A 88 10.87 7.17 10.87
N PRO A 89 11.86 6.58 11.58
CA PRO A 89 12.52 5.42 10.97
C PRO A 89 11.70 4.12 10.98
N ALA A 90 10.63 4.05 11.76
CA ALA A 90 9.87 2.80 11.90
C ALA A 90 8.40 2.85 11.43
N VAL A 91 7.65 3.87 11.87
CA VAL A 91 6.24 3.98 11.48
C VAL A 91 6.03 4.95 10.30
N ARG A 92 4.91 4.84 9.59
CA ARG A 92 4.58 5.82 8.55
C ARG A 92 4.04 7.11 9.22
N ASP A 93 4.96 8.02 9.51
CA ASP A 93 4.67 9.35 10.05
C ASP A 93 5.93 10.22 9.96
N TYR A 94 5.74 11.54 10.08
CA TYR A 94 6.86 12.49 10.19
C TYR A 94 7.51 12.46 11.57
N ILE A 95 8.65 13.14 11.72
CA ILE A 95 9.35 13.27 13.02
C ILE A 95 8.54 14.11 14.05
N ASN A 96 8.98 14.08 15.32
CA ASN A 96 8.38 14.91 16.39
C ASN A 96 9.14 16.23 16.65
N GLY A 97 8.62 17.07 17.54
CA GLY A 97 9.29 18.34 17.97
C GLY A 97 10.74 18.28 18.43
N GLU A 98 11.03 17.32 19.29
CA GLU A 98 12.40 17.07 19.78
C GLU A 98 13.40 16.79 18.64
N GLN A 99 12.97 15.94 17.69
CA GLN A 99 13.82 15.59 16.55
C GLN A 99 13.95 16.76 15.54
N PHE A 100 12.88 17.57 15.40
CA PHE A 100 12.93 18.77 14.52
C PHE A 100 13.94 19.80 15.04
N ALA A 101 13.87 20.08 16.34
CA ALA A 101 14.83 20.97 17.03
C ALA A 101 16.31 20.53 16.85
N ALA A 102 16.56 19.24 17.02
CA ALA A 102 17.92 18.70 16.83
C ALA A 102 18.43 18.84 15.39
N LEU A 103 17.53 18.70 14.41
CA LEU A 103 17.85 18.88 12.98
C LEU A 103 18.18 20.34 12.64
N MET A 104 17.33 21.27 13.10
CA MET A 104 17.59 22.72 12.95
C MET A 104 19.00 23.09 13.50
N ASP A 105 19.32 22.62 14.71
CA ASP A 105 20.68 22.82 15.31
C ASP A 105 21.83 22.33 14.40
N ARG A 106 21.75 21.08 13.90
CA ARG A 106 22.78 20.51 12.98
C ARG A 106 22.95 21.31 11.69
N LYS A 107 21.85 21.90 11.22
CA LYS A 107 21.85 22.62 9.95
C LYS A 107 22.19 24.10 10.12
N GLY A 108 22.30 24.59 11.36
CA GLY A 108 22.57 26.03 11.58
C GLY A 108 21.41 27.02 11.39
N VAL A 109 20.18 26.56 11.65
CA VAL A 109 18.95 27.41 11.61
C VAL A 109 18.42 27.77 13.03
N THR A 110 18.27 29.07 13.32
CA THR A 110 17.65 29.55 14.59
C THR A 110 16.19 29.95 14.35
N ARG A 111 15.41 30.07 15.42
CA ARG A 111 13.96 30.47 15.32
C ARG A 111 13.71 31.83 14.64
N ASP A 112 14.65 32.76 14.77
CA ASP A 112 14.48 34.10 14.19
C ASP A 112 14.98 34.27 12.74
N ASP A 113 15.55 33.22 12.13
CA ASP A 113 16.12 33.33 10.77
C ASP A 113 15.06 33.28 9.66
N THR A 114 15.25 34.05 8.59
CA THR A 114 14.49 33.86 7.35
C THR A 114 15.03 32.62 6.64
N VAL A 115 14.15 31.67 6.29
CA VAL A 115 14.59 30.45 5.57
C VAL A 115 14.07 30.49 4.12
N VAL A 116 14.97 30.50 3.12
CA VAL A 116 14.57 30.38 1.70
C VAL A 116 14.84 28.96 1.16
N ILE A 117 13.79 28.27 0.69
CA ILE A 117 13.91 26.89 0.16
C ILE A 117 13.81 26.83 -1.38
N TYR A 118 14.62 25.98 -2.01
CA TYR A 118 14.62 25.80 -3.49
C TYR A 118 14.97 24.34 -3.85
N GLY A 119 14.54 23.90 -5.02
CA GLY A 119 14.91 22.57 -5.51
C GLY A 119 14.66 22.39 -7.02
N ASP A 120 14.90 21.18 -7.52
CA ASP A 120 14.62 20.84 -8.92
C ASP A 120 13.11 20.73 -9.19
N LYS A 121 12.75 20.53 -10.47
CA LYS A 121 11.38 20.27 -10.93
C LYS A 121 10.36 21.31 -10.51
N SER A 122 10.60 22.57 -10.85
CA SER A 122 9.69 23.64 -10.47
C SER A 122 9.37 23.62 -8.97
N ASN A 123 10.35 23.27 -8.11
CA ASN A 123 10.19 23.34 -6.64
C ASN A 123 9.26 22.26 -6.01
N TRP A 124 9.14 21.11 -6.69
CA TRP A 124 8.29 19.99 -6.22
C TRP A 124 8.56 19.58 -4.75
N TRP A 125 9.83 19.27 -4.44
CA TRP A 125 10.24 18.81 -3.10
C TRP A 125 10.52 19.97 -2.12
N ALA A 126 10.76 21.17 -2.67
CA ALA A 126 10.88 22.42 -1.90
C ALA A 126 9.57 22.80 -1.18
N ALA A 127 8.45 22.71 -1.91
CA ALA A 127 7.13 22.94 -1.26
C ALA A 127 6.79 21.90 -0.17
N TYR A 128 7.19 20.64 -0.37
CA TYR A 128 7.02 19.61 0.68
C TYR A 128 7.81 19.94 1.96
N ALA A 129 9.09 20.29 1.81
CA ALA A 129 9.88 20.78 2.96
C ALA A 129 9.22 21.99 3.67
N MET A 130 8.68 22.93 2.89
CA MET A 130 7.96 24.08 3.47
C MET A 130 6.71 23.68 4.29
N TRP A 131 5.93 22.75 3.74
CA TRP A 131 4.77 22.16 4.45
C TRP A 131 5.17 21.53 5.81
N VAL A 132 6.26 20.74 5.83
CA VAL A 132 6.80 20.19 7.11
C VAL A 132 7.24 21.28 8.16
N PHE A 133 7.94 22.33 7.70
CA PHE A 133 8.32 23.45 8.58
C PHE A 133 7.08 24.13 9.20
N HIS A 134 5.98 24.21 8.44
CA HIS A 134 4.70 24.77 8.91
C HIS A 134 4.04 23.92 10.02
N LEU A 135 4.21 22.59 9.98
CA LEU A 135 3.74 21.73 11.10
C LEU A 135 4.32 22.16 12.46
N PHE A 136 5.58 22.66 12.43
CA PHE A 136 6.33 23.13 13.61
C PHE A 136 6.34 24.67 13.82
N GLY A 137 5.51 25.38 13.04
CA GLY A 137 5.35 26.83 13.19
C GLY A 137 6.56 27.73 12.98
N HIS A 138 7.53 27.35 12.14
CA HIS A 138 8.67 28.27 11.89
C HIS A 138 8.21 29.63 11.27
N PRO A 139 8.58 30.77 11.90
CA PRO A 139 7.89 32.05 11.57
C PRO A 139 8.02 32.56 10.13
N ASP A 140 9.21 32.50 9.54
CA ASP A 140 9.45 33.10 8.23
C ASP A 140 10.10 32.05 7.28
N VAL A 141 9.27 31.43 6.43
CA VAL A 141 9.71 30.53 5.35
C VAL A 141 9.19 31.03 3.98
N ARG A 142 10.03 30.93 2.94
CA ARG A 142 9.75 31.47 1.61
C ARG A 142 10.30 30.50 0.55
N LEU A 143 9.74 30.52 -0.66
CA LEU A 143 10.29 29.73 -1.80
C LEU A 143 10.93 30.62 -2.87
N LEU A 144 12.00 30.14 -3.52
CA LEU A 144 12.63 30.86 -4.62
C LEU A 144 11.88 30.61 -5.94
N ASP A 145 11.26 31.64 -6.50
CA ASP A 145 10.54 31.48 -7.78
C ASP A 145 11.47 30.94 -8.87
N GLY A 146 11.10 29.83 -9.52
CA GLY A 146 11.96 29.21 -10.53
C GLY A 146 12.86 28.06 -10.06
N GLY A 147 13.15 28.04 -8.76
CA GLY A 147 13.95 26.98 -8.13
C GLY A 147 15.34 26.80 -8.72
N ARG A 148 15.85 25.57 -8.59
CA ARG A 148 17.17 25.20 -9.10
C ARG A 148 17.27 25.30 -10.64
N ASP A 149 16.25 24.83 -11.35
CA ASP A 149 16.21 24.90 -12.82
C ASP A 149 16.54 26.32 -13.36
N LEU A 150 15.76 27.32 -12.94
CA LEU A 150 15.98 28.72 -13.40
C LEU A 150 17.35 29.31 -12.99
N TRP A 151 17.83 28.97 -11.79
CA TRP A 151 19.16 29.43 -11.33
C TRP A 151 20.28 28.94 -12.29
N VAL A 152 20.21 27.66 -12.65
CA VAL A 152 21.24 27.05 -13.49
C VAL A 152 21.08 27.44 -14.96
N SER A 153 19.86 27.42 -15.49
CA SER A 153 19.65 27.66 -16.92
C SER A 153 20.02 29.09 -17.35
N THR A 154 20.00 30.02 -16.40
CA THR A 154 20.35 31.41 -16.67
C THR A 154 21.82 31.71 -16.34
N GLY A 155 22.61 30.67 -16.13
CA GLY A 155 24.05 30.81 -15.91
C GLY A 155 24.55 31.46 -14.62
N ARG A 156 23.81 31.34 -13.53
CA ARG A 156 24.28 31.87 -12.25
C ARG A 156 25.24 30.92 -11.51
N ASP A 157 26.06 31.50 -10.64
CA ASP A 157 27.12 30.85 -9.88
CA ASP A 157 27.14 30.78 -9.94
C ASP A 157 26.66 29.65 -9.01
N THR A 158 27.37 28.50 -9.13
CA THR A 158 27.18 27.34 -8.21
C THR A 158 28.53 26.82 -7.68
N THR A 159 28.47 26.00 -6.61
CA THR A 159 29.68 25.46 -5.95
C THR A 159 29.50 24.07 -5.35
N LEU A 160 30.62 23.39 -5.11
CA LEU A 160 30.61 22.12 -4.38
C LEU A 160 30.90 22.27 -2.87
N GLU A 161 31.38 23.43 -2.44
CA GLU A 161 31.76 23.62 -1.01
C GLU A 161 30.56 23.54 -0.04
N VAL A 162 30.70 22.72 1.00
CA VAL A 162 29.64 22.48 2.00
C VAL A 162 29.92 23.41 3.20
N PRO A 163 28.94 24.25 3.61
CA PRO A 163 29.08 25.13 4.81
C PRO A 163 29.31 24.29 6.09
N THR A 164 30.10 24.80 7.04
CA THR A 164 30.29 24.07 8.31
C THR A 164 29.63 24.71 9.54
N ARG A 165 29.01 25.88 9.36
CA ARG A 165 28.19 26.54 10.39
C ARG A 165 27.16 25.60 11.11
N GLN A 166 27.12 25.68 12.44
CA GLN A 166 26.21 24.90 13.32
C GLN A 166 25.65 25.87 14.40
N THR A 167 24.46 25.61 14.93
CA THR A 167 23.87 26.45 15.99
C THR A 167 23.38 25.56 17.15
N SER A 168 22.85 26.19 18.20
CA SER A 168 22.29 25.44 19.35
C SER A 168 21.09 26.18 19.94
N GLY A 169 20.18 25.47 20.59
CA GLY A 169 19.06 26.11 21.26
C GLY A 169 17.72 26.27 20.55
N TYR A 170 17.51 25.66 19.37
CA TYR A 170 16.15 25.73 18.71
C TYR A 170 15.10 25.19 19.71
N PRO A 171 13.94 25.88 19.86
CA PRO A 171 12.95 25.42 20.85
C PRO A 171 12.18 24.12 20.49
N VAL A 172 11.88 23.32 21.50
CA VAL A 172 11.06 22.10 21.32
C VAL A 172 9.56 22.45 21.31
N VAL A 173 8.89 22.23 20.18
CA VAL A 173 7.46 22.57 20.04
CA VAL A 173 7.47 22.60 19.98
C VAL A 173 6.62 21.33 19.76
N GLU A 174 5.37 21.33 20.24
CA GLU A 174 4.43 20.23 19.91
CA GLU A 174 4.40 20.27 19.94
C GLU A 174 3.98 20.37 18.46
N ARG A 175 4.16 19.30 17.67
CA ARG A 175 3.73 19.27 16.25
C ARG A 175 2.20 19.54 16.12
N ASN A 176 1.81 20.35 15.14
CA ASN A 176 0.44 20.88 14.99
C ASN A 176 -0.17 20.47 13.63
N ASP A 177 -0.72 19.25 13.55
CA ASP A 177 -1.22 18.65 12.31
C ASP A 177 -2.55 19.26 11.79
N ALA A 178 -3.52 19.41 12.69
CA ALA A 178 -4.91 19.73 12.31
C ALA A 178 -5.18 20.83 11.24
N PRO A 179 -4.48 21.99 11.30
CA PRO A 179 -4.76 23.03 10.29
C PRO A 179 -4.40 22.70 8.83
N ILE A 180 -3.38 21.88 8.60
CA ILE A 180 -2.89 21.64 7.23
C ILE A 180 -2.82 20.15 6.75
N ARG A 181 -3.25 19.20 7.59
CA ARG A 181 -3.11 17.78 7.27
C ARG A 181 -4.46 17.06 7.45
N ALA A 182 -4.83 16.18 6.49
CA ALA A 182 -6.04 15.34 6.60
C ALA A 182 -5.73 13.84 6.69
N PHE A 183 -6.46 13.13 7.56
CA PHE A 183 -6.32 11.65 7.66
C PHE A 183 -7.47 10.91 6.93
N LYS A 184 -7.36 9.57 6.81
CA LYS A 184 -8.33 8.79 6.02
C LYS A 184 -9.80 8.99 6.44
N ASP A 185 -10.04 8.96 7.75
CA ASP A 185 -11.37 9.23 8.28
C ASP A 185 -11.92 10.66 8.02
N ASP A 186 -11.08 11.71 8.13
CA ASP A 186 -11.43 13.08 7.66
C ASP A 186 -11.94 13.12 6.21
N VAL A 187 -11.24 12.43 5.29
CA VAL A 187 -11.66 12.35 3.88
C VAL A 187 -13.07 11.68 3.68
N LEU A 188 -13.29 10.56 4.36
CA LEU A 188 -14.58 9.83 4.29
C LEU A 188 -15.76 10.65 4.80
N ARG A 189 -15.52 11.50 5.78
CA ARG A 189 -16.60 12.30 6.34
C ARG A 189 -17.08 13.44 5.42
N VAL A 190 -16.26 13.86 4.45
CA VAL A 190 -16.64 15.00 3.61
C VAL A 190 -16.95 14.71 2.14
N LEU A 191 -16.91 13.44 1.73
CA LEU A 191 -17.25 13.07 0.35
C LEU A 191 -18.62 13.65 -0.10
N GLY A 192 -18.62 14.40 -1.20
CA GLY A 192 -19.82 15.12 -1.66
C GLY A 192 -20.16 16.40 -0.90
N LYS A 193 -19.30 16.83 0.04
CA LYS A 193 -19.54 18.09 0.78
C LYS A 193 -18.47 19.16 0.53
N GLU A 194 -17.25 18.74 0.19
CA GLU A 194 -16.12 19.67 -0.08
C GLU A 194 -15.35 19.24 -1.36
N PRO A 195 -14.73 20.19 -2.08
CA PRO A 195 -13.89 19.81 -3.23
C PRO A 195 -12.69 18.91 -2.88
N LEU A 196 -12.52 17.83 -3.65
CA LEU A 196 -11.41 16.90 -3.54
C LEU A 196 -10.59 16.94 -4.83
N ILE A 197 -9.30 17.28 -4.72
CA ILE A 197 -8.44 17.52 -5.91
C ILE A 197 -7.30 16.50 -6.05
N ASP A 198 -7.40 15.67 -7.09
CA ASP A 198 -6.44 14.60 -7.39
C ASP A 198 -5.37 15.17 -8.34
N VAL A 199 -4.11 15.25 -7.90
CA VAL A 199 -3.07 15.91 -8.70
C VAL A 199 -2.15 15.00 -9.52
N ARG A 200 -2.51 13.72 -9.64
CA ARG A 200 -1.73 12.75 -10.44
C ARG A 200 -1.95 12.94 -11.96
N SER A 201 -1.23 12.17 -12.76
CA SER A 201 -1.43 12.19 -14.23
C SER A 201 -2.85 11.71 -14.58
N PRO A 202 -3.35 12.05 -15.79
CA PRO A 202 -4.72 11.60 -16.19
C PRO A 202 -4.88 10.08 -16.22
N GLN A 203 -3.83 9.37 -16.63
CA GLN A 203 -3.85 7.90 -16.70
C GLN A 203 -3.94 7.21 -15.32
N GLU A 204 -3.33 7.83 -14.31
CA GLU A 204 -3.47 7.33 -12.94
C GLU A 204 -4.87 7.62 -12.38
N TYR A 205 -5.38 8.82 -12.67
CA TYR A 205 -6.72 9.25 -12.25
C TYR A 205 -7.84 8.30 -12.74
N THR A 206 -7.76 7.87 -14.00
CA THR A 206 -8.74 6.94 -14.56
C THR A 206 -8.58 5.48 -14.05
N GLY A 207 -7.39 5.13 -13.58
CA GLY A 207 -7.07 3.70 -13.29
C GLY A 207 -6.48 2.89 -14.45
N GLU A 208 -6.20 3.54 -15.59
CA GLU A 208 -5.44 2.94 -16.69
C GLU A 208 -4.03 2.49 -16.25
N ARG A 209 -3.35 3.33 -15.46
CA ARG A 209 -2.01 3.02 -14.95
C ARG A 209 -1.97 2.81 -13.45
N THR A 210 -1.34 1.70 -13.03
CA THR A 210 -1.15 1.37 -11.61
C THR A 210 0.31 1.17 -11.17
N PRO A 216 9.05 1.24 -8.09
CA PRO A 216 7.68 1.09 -7.64
C PRO A 216 7.62 0.55 -6.22
N GLU A 217 8.07 1.33 -5.25
CA GLU A 217 7.67 1.16 -3.85
C GLU A 217 6.30 1.86 -3.65
N GLU A 218 5.81 2.51 -4.72
CA GLU A 218 4.56 3.30 -4.74
C GLU A 218 3.35 2.69 -5.51
N GLY A 219 3.42 1.40 -5.83
CA GLY A 219 2.33 0.69 -6.55
C GLY A 219 1.05 0.50 -5.73
N ALA A 220 -0.04 0.09 -6.37
CA ALA A 220 -1.28 -0.18 -5.66
C ALA A 220 -2.02 -1.36 -6.25
N LEU A 221 -2.71 -2.10 -5.38
CA LEU A 221 -3.55 -3.24 -5.78
C LEU A 221 -4.85 -2.87 -6.53
N ARG A 222 -5.33 -1.63 -6.42
CA ARG A 222 -6.45 -1.17 -7.26
C ARG A 222 -6.16 0.19 -7.92
N GLY A 223 -6.75 0.43 -9.09
CA GLY A 223 -6.63 1.72 -9.78
C GLY A 223 -7.95 2.50 -9.84
N GLY A 224 -7.88 3.82 -9.98
CA GLY A 224 -9.08 4.67 -10.01
C GLY A 224 -8.83 5.91 -9.18
N HIS A 225 -9.89 6.54 -8.70
CA HIS A 225 -9.75 7.73 -7.84
C HIS A 225 -10.71 7.70 -6.65
N ILE A 226 -10.56 8.61 -5.70
CA ILE A 226 -11.51 8.74 -4.59
C ILE A 226 -12.87 9.28 -5.14
N PRO A 227 -14.02 8.68 -4.70
CA PRO A 227 -15.34 9.11 -5.25
C PRO A 227 -15.56 10.61 -5.12
N THR A 228 -15.99 11.26 -6.22
CA THR A 228 -16.24 12.73 -6.36
C THR A 228 -15.02 13.59 -6.67
N ALA A 229 -13.83 13.00 -6.62
CA ALA A 229 -12.60 13.80 -6.82
C ALA A 229 -12.57 14.32 -8.26
N VAL A 230 -11.93 15.48 -8.49
CA VAL A 230 -11.70 16.04 -9.84
C VAL A 230 -10.22 16.02 -10.18
N SER A 231 -9.88 15.91 -11.47
CA SER A 231 -8.49 15.84 -11.94
C SER A 231 -7.83 17.21 -12.29
N VAL A 232 -6.78 17.59 -11.56
CA VAL A 232 -5.91 18.72 -11.93
C VAL A 232 -4.44 18.34 -11.76
N PRO A 233 -3.77 17.84 -12.81
CA PRO A 233 -2.35 17.50 -12.71
C PRO A 233 -1.49 18.67 -12.20
N TRP A 234 -0.56 18.38 -11.29
CA TRP A 234 0.13 19.45 -10.54
C TRP A 234 0.94 20.42 -11.40
N SER A 235 1.58 19.90 -12.45
CA SER A 235 2.45 20.74 -13.30
C SER A 235 1.72 21.77 -14.18
N LYS A 236 0.39 21.76 -14.17
CA LYS A 236 -0.39 22.82 -14.80
C LYS A 236 -0.14 24.22 -14.18
N ALA A 237 0.25 24.24 -12.90
CA ALA A 237 0.53 25.49 -12.19
C ALA A 237 1.92 26.12 -12.50
N ALA A 238 2.78 25.45 -13.27
CA ALA A 238 4.12 25.98 -13.63
C ALA A 238 4.42 26.16 -15.13
N TYR A 239 5.25 27.15 -15.47
CA TYR A 239 5.81 27.33 -16.81
C TYR A 239 6.91 26.28 -17.08
N ASP A 240 7.42 26.20 -18.30
CA ASP A 240 8.48 25.22 -18.55
C ASP A 240 9.88 25.61 -18.00
N ASP A 241 10.09 26.89 -17.68
CA ASP A 241 11.33 27.34 -17.03
C ASP A 241 11.39 27.11 -15.50
N GLY A 242 10.31 26.59 -14.91
CA GLY A 242 10.22 26.35 -13.45
C GLY A 242 9.40 27.33 -12.58
N ARG A 243 9.16 28.55 -13.06
CA ARG A 243 8.43 29.58 -12.31
C ARG A 243 6.91 29.28 -12.16
N PHE A 244 6.26 29.76 -11.10
CA PHE A 244 4.77 29.67 -10.98
C PHE A 244 4.08 30.55 -12.06
N ARG A 245 2.99 30.07 -12.66
CA ARG A 245 2.24 30.84 -13.69
C ARG A 245 1.68 32.19 -13.19
N ALA A 246 1.35 33.11 -14.11
CA ALA A 246 0.66 34.37 -13.74
C ALA A 246 -0.69 34.14 -13.04
N ARG A 247 -1.13 35.09 -12.21
CA ARG A 247 -2.37 34.93 -11.40
C ARG A 247 -3.60 34.66 -12.28
N ALA A 248 -3.69 35.35 -13.42
CA ALA A 248 -4.81 35.15 -14.37
C ALA A 248 -4.93 33.70 -14.88
N GLU A 249 -3.79 33.09 -15.23
CA GLU A 249 -3.77 31.70 -15.71
C GLU A 249 -4.18 30.73 -14.59
N LEU A 250 -3.65 30.95 -13.38
CA LEU A 250 -4.02 30.13 -12.20
C LEU A 250 -5.50 30.22 -11.83
N GLU A 251 -6.09 31.42 -11.91
CA GLU A 251 -7.54 31.55 -11.68
C GLU A 251 -8.40 30.84 -12.75
N GLU A 252 -7.92 30.65 -13.98
CA GLU A 252 -8.67 29.82 -14.97
C GLU A 252 -8.70 28.36 -14.55
N ILE A 253 -7.56 27.86 -14.08
CA ILE A 253 -7.38 26.46 -13.72
C ILE A 253 -8.12 26.10 -12.40
N TYR A 254 -8.04 26.99 -11.41
CA TYR A 254 -8.48 26.72 -10.02
C TYR A 254 -9.73 27.54 -9.59
N GLY A 255 -10.33 28.29 -10.52
CA GLY A 255 -11.53 29.12 -10.25
C GLY A 255 -12.78 28.40 -9.74
N PHE A 256 -12.85 27.09 -9.94
CA PHE A 256 -13.92 26.27 -9.41
C PHE A 256 -13.93 26.17 -7.86
N VAL A 257 -12.80 26.47 -7.22
CA VAL A 257 -12.72 26.57 -5.76
C VAL A 257 -13.30 27.89 -5.23
N LYS A 258 -14.35 27.80 -4.40
CA LYS A 258 -15.10 28.97 -3.91
C LYS A 258 -14.61 29.50 -2.56
N PRO A 259 -14.83 30.82 -2.29
CA PRO A 259 -14.38 31.46 -1.04
C PRO A 259 -14.73 30.68 0.25
N ASP A 260 -15.91 30.07 0.31
CA ASP A 260 -16.36 29.31 1.51
C ASP A 260 -15.93 27.81 1.52
N ASP A 261 -15.26 27.35 0.47
CA ASP A 261 -14.84 25.93 0.40
C ASP A 261 -13.69 25.59 1.36
N LYS A 262 -13.63 24.32 1.77
CA LYS A 262 -12.52 23.76 2.56
C LYS A 262 -11.89 22.54 1.86
N PRO A 263 -11.01 22.81 0.88
CA PRO A 263 -10.52 21.75 -0.02
C PRO A 263 -9.47 20.77 0.56
N ILE A 264 -9.43 19.55 0.02
CA ILE A 264 -8.40 18.56 0.31
C ILE A 264 -7.65 18.17 -1.00
N VAL A 265 -6.31 18.15 -0.96
CA VAL A 265 -5.48 17.72 -2.13
C VAL A 265 -4.80 16.36 -1.85
N TYR A 266 -4.55 15.57 -2.90
CA TYR A 266 -3.84 14.26 -2.78
C TYR A 266 -3.14 13.80 -4.09
N CYS A 267 -2.18 12.88 -3.96
CA CYS A 267 -1.45 12.29 -5.11
CA CYS A 267 -1.57 12.23 -5.14
C CYS A 267 -1.17 10.81 -4.79
N ARG A 268 0.08 10.37 -5.04
CA ARG A 268 0.53 8.99 -4.61
C ARG A 268 1.05 8.96 -3.14
N ILE A 269 1.85 9.98 -2.79
CA ILE A 269 2.35 10.17 -1.42
C ILE A 269 2.22 11.68 -1.09
N GLY A 270 2.13 12.06 0.19
CA GLY A 270 1.84 13.50 0.48
C GLY A 270 2.92 14.48 0.05
N GLU A 271 4.17 13.99 0.04
CA GLU A 271 5.30 14.74 -0.54
C GLU A 271 5.00 15.35 -1.95
N ARG A 272 4.16 14.70 -2.74
CA ARG A 272 3.95 15.11 -4.16
C ARG A 272 2.75 16.06 -4.45
N SER A 273 1.86 16.24 -3.44
CA SER A 273 0.66 17.17 -3.49
C SER A 273 0.83 18.46 -2.64
N SER A 274 2.01 18.62 -2.04
CA SER A 274 2.39 19.82 -1.27
C SER A 274 2.47 21.10 -2.15
N HIS A 275 3.00 20.95 -3.37
CA HIS A 275 3.07 22.02 -4.38
C HIS A 275 1.68 22.70 -4.61
N THR A 276 0.62 21.89 -4.76
CA THR A 276 -0.74 22.43 -4.96
C THR A 276 -1.30 23.10 -3.69
N TRP A 277 -1.05 22.51 -2.51
CA TRP A 277 -1.33 23.19 -1.23
C TRP A 277 -0.75 24.61 -1.18
N PHE A 278 0.54 24.77 -1.52
CA PHE A 278 1.22 26.12 -1.58
C PHE A 278 0.52 27.12 -2.54
N VAL A 279 0.26 26.66 -3.79
CA VAL A 279 -0.44 27.48 -4.82
C VAL A 279 -1.83 27.98 -4.30
N LEU A 280 -2.66 27.05 -3.82
CA LEU A 280 -4.00 27.40 -3.31
C LEU A 280 -3.97 28.38 -2.13
N THR A 281 -3.07 28.10 -1.18
CA THR A 281 -2.95 28.87 0.06
C THR A 281 -2.36 30.27 -0.13
N TYR A 282 -1.20 30.38 -0.78
CA TYR A 282 -0.46 31.63 -0.75
C TYR A 282 -0.52 32.45 -2.04
N LEU A 283 -0.63 31.77 -3.18
CA LEU A 283 -0.73 32.51 -4.45
C LEU A 283 -2.18 32.98 -4.70
N LEU A 284 -3.16 32.15 -4.33
CA LEU A 284 -4.57 32.45 -4.55
C LEU A 284 -5.37 32.87 -3.27
N GLY A 285 -4.78 32.73 -2.08
CA GLY A 285 -5.45 33.21 -0.83
C GLY A 285 -6.62 32.42 -0.24
N HIS A 286 -6.69 31.11 -0.49
CA HIS A 286 -7.75 30.26 0.12
C HIS A 286 -7.31 29.69 1.48
N PRO A 287 -8.03 30.04 2.56
CA PRO A 287 -7.64 29.39 3.80
C PRO A 287 -8.21 27.96 3.90
N ASN A 288 -7.75 27.20 4.88
CA ASN A 288 -8.34 25.90 5.24
C ASN A 288 -8.14 24.76 4.21
N VAL A 289 -7.10 24.85 3.37
CA VAL A 289 -6.74 23.75 2.46
C VAL A 289 -5.96 22.70 3.27
N ARG A 290 -6.26 21.42 3.09
CA ARG A 290 -5.50 20.36 3.80
C ARG A 290 -4.86 19.35 2.85
N ASN A 291 -3.70 18.80 3.22
CA ASN A 291 -2.99 17.78 2.40
C ASN A 291 -3.30 16.39 2.99
N TYR A 292 -3.90 15.49 2.20
CA TYR A 292 -4.14 14.09 2.60
C TYR A 292 -2.87 13.31 2.27
N ASP A 293 -1.91 13.26 3.22
CA ASP A 293 -0.58 12.60 2.96
C ASP A 293 -0.64 11.08 2.69
N GLY A 294 -1.64 10.39 3.25
CA GLY A 294 -1.86 8.96 2.97
C GLY A 294 -1.90 8.71 1.48
N SER A 295 -2.76 9.48 0.79
CA SER A 295 -2.80 9.54 -0.67
C SER A 295 -3.13 8.15 -1.32
N TRP A 296 -2.84 7.94 -2.61
CA TRP A 296 -3.22 6.67 -3.23
C TRP A 296 -2.49 5.43 -2.67
N THR A 297 -1.25 5.56 -2.19
CA THR A 297 -0.55 4.41 -1.61
C THR A 297 -1.27 3.85 -0.37
N GLU A 298 -1.95 4.71 0.40
CA GLU A 298 -2.82 4.22 1.48
C GLU A 298 -4.13 3.70 0.92
N TRP A 299 -4.86 4.58 0.20
CA TRP A 299 -6.24 4.31 -0.23
C TRP A 299 -6.39 3.12 -1.22
N GLY A 300 -5.51 3.06 -2.23
CA GLY A 300 -5.54 1.97 -3.20
C GLY A 300 -5.05 0.58 -2.69
N ASN A 301 -4.64 0.50 -1.43
CA ASN A 301 -4.19 -0.76 -0.80
C ASN A 301 -5.03 -1.18 0.41
N ALA A 302 -5.95 -0.30 0.83
CA ALA A 302 -6.88 -0.57 1.94
C ALA A 302 -8.00 -1.54 1.53
N VAL A 303 -8.40 -2.43 2.46
CA VAL A 303 -9.52 -3.37 2.24
C VAL A 303 -10.89 -2.65 2.34
N ARG A 304 -11.75 -2.93 1.35
CA ARG A 304 -13.16 -2.50 1.39
C ARG A 304 -13.41 -0.98 1.55
N VAL A 305 -12.70 -0.14 0.80
CA VAL A 305 -13.03 1.31 0.74
C VAL A 305 -13.64 1.68 -0.65
N PRO A 306 -14.52 2.71 -0.70
CA PRO A 306 -15.13 3.07 -2.00
C PRO A 306 -14.14 3.66 -3.03
N ILE A 307 -14.27 3.25 -4.31
CA ILE A 307 -13.40 3.67 -5.43
C ILE A 307 -14.24 3.88 -6.71
N VAL A 308 -13.94 4.95 -7.46
CA VAL A 308 -14.56 5.17 -8.78
C VAL A 308 -13.50 5.01 -9.91
N VAL A 309 -13.77 4.10 -10.85
CA VAL A 309 -12.94 3.90 -12.04
C VAL A 309 -13.41 4.76 -13.24
N GLY A 310 -12.46 5.26 -14.04
CA GLY A 310 -12.77 5.94 -15.31
C GLY A 310 -12.60 7.44 -15.31
N PRO A 311 -13.02 8.14 -16.39
CA PRO A 311 -12.80 9.59 -16.52
C PRO A 311 -13.80 10.53 -15.82
N GLU A 312 -14.89 10.00 -15.24
CA GLU A 312 -15.89 10.86 -14.59
C GLU A 312 -15.73 10.85 -13.03
N PRO A 313 -15.98 12.00 -12.35
CA PRO A 313 -15.82 12.05 -10.87
C PRO A 313 -16.61 10.99 -10.08
N GLY A 314 -17.89 10.80 -10.39
CA GLY A 314 -18.73 9.80 -9.71
C GLY A 314 -19.42 10.40 -8.49
N GLU A 315 -20.33 9.61 -7.89
CA GLU A 315 -21.14 10.00 -6.72
C GLU A 315 -20.57 9.57 -5.37
N ALA A 316 -20.88 10.32 -4.31
CA ALA A 316 -20.65 9.88 -2.93
C ALA A 316 -21.44 8.60 -2.59
N PRO A 317 -20.92 7.74 -1.69
CA PRO A 317 -21.65 6.51 -1.35
C PRO A 317 -22.80 6.71 -0.33
N LEU B 25 -19.71 -39.72 -3.19
CA LEU B 25 -18.24 -40.02 -3.27
C LEU B 25 -17.60 -40.08 -1.89
N PRO B 26 -17.22 -41.29 -1.43
CA PRO B 26 -16.64 -41.41 -0.07
C PRO B 26 -15.23 -40.80 0.05
N ALA B 27 -14.78 -40.62 1.28
CA ALA B 27 -13.40 -40.21 1.57
C ALA B 27 -12.36 -41.20 1.01
N ASP B 28 -11.20 -40.70 0.59
CA ASP B 28 -10.05 -41.53 0.24
C ASP B 28 -9.60 -42.37 1.48
N PRO B 29 -9.71 -43.71 1.41
CA PRO B 29 -9.35 -44.55 2.58
C PRO B 29 -7.86 -44.92 2.69
N SER B 30 -6.98 -44.33 1.88
CA SER B 30 -5.53 -44.62 1.99
C SER B 30 -5.00 -44.54 3.44
N PRO B 31 -4.21 -45.56 3.89
CA PRO B 31 -3.71 -45.58 5.29
C PRO B 31 -2.84 -44.38 5.69
N GLU B 32 -2.07 -43.81 4.75
CA GLU B 32 -1.12 -42.71 5.04
C GLU B 32 -1.78 -41.39 5.46
N LEU B 33 -3.09 -41.24 5.21
CA LEU B 33 -3.81 -40.00 5.57
C LEU B 33 -4.41 -40.03 6.98
N LYS B 34 -4.51 -41.23 7.57
CA LYS B 34 -5.23 -41.42 8.85
C LYS B 34 -4.57 -40.68 10.00
N GLN B 35 -3.29 -40.32 9.85
CA GLN B 35 -2.53 -39.62 10.88
C GLN B 35 -3.07 -38.21 11.18
N TYR B 36 -3.87 -37.64 10.27
CA TYR B 36 -4.37 -36.28 10.39
C TYR B 36 -5.73 -36.14 11.11
N ALA B 37 -6.00 -34.95 11.65
CA ALA B 37 -7.25 -34.68 12.37
C ALA B 37 -8.53 -34.82 11.51
N HIS B 38 -8.51 -34.30 10.27
CA HIS B 38 -9.66 -34.44 9.38
C HIS B 38 -9.23 -34.98 7.99
N PRO B 39 -8.88 -36.29 7.90
CA PRO B 39 -8.26 -36.88 6.70
C PRO B 39 -9.09 -36.76 5.42
N GLU B 40 -10.40 -36.59 5.57
CA GLU B 40 -11.32 -36.56 4.43
C GLU B 40 -11.13 -35.33 3.54
N ARG B 41 -10.41 -34.32 4.02
CA ARG B 41 -10.16 -33.08 3.28
C ARG B 41 -8.95 -33.18 2.34
N LEU B 42 -8.28 -34.33 2.32
CA LEU B 42 -7.19 -34.61 1.40
C LEU B 42 -7.45 -35.84 0.49
N VAL B 43 -6.86 -35.86 -0.71
CA VAL B 43 -6.87 -37.11 -1.53
C VAL B 43 -5.44 -37.38 -2.04
N THR B 44 -5.13 -38.66 -2.30
CA THR B 44 -3.80 -39.06 -2.85
C THR B 44 -3.84 -39.09 -4.38
N ALA B 45 -2.70 -39.02 -5.04
CA ALA B 45 -2.62 -39.20 -6.52
C ALA B 45 -3.14 -40.56 -7.06
N ASP B 46 -2.79 -41.68 -6.42
CA ASP B 46 -3.31 -42.97 -6.88
C ASP B 46 -4.87 -43.09 -6.77
N TRP B 47 -5.47 -42.50 -5.73
CA TRP B 47 -6.95 -42.43 -5.58
C TRP B 47 -7.59 -41.63 -6.75
N LEU B 48 -6.99 -40.48 -7.07
CA LEU B 48 -7.50 -39.62 -8.14
C LEU B 48 -7.40 -40.30 -9.52
N ALA B 49 -6.25 -40.92 -9.81
CA ALA B 49 -6.10 -41.74 -11.05
C ALA B 49 -7.18 -42.80 -11.23
N SER B 50 -7.58 -43.48 -10.15
CA SER B 50 -8.60 -44.50 -10.31
CA SER B 50 -8.61 -44.52 -10.20
C SER B 50 -10.04 -43.96 -10.38
N ASN B 51 -10.23 -42.68 -10.05
CA ASN B 51 -11.57 -42.03 -10.05
C ASN B 51 -11.83 -41.03 -11.21
N LEU B 52 -10.84 -40.80 -12.08
CA LEU B 52 -11.00 -39.85 -13.20
C LEU B 52 -12.23 -40.19 -14.04
N GLY B 53 -12.99 -39.15 -14.41
CA GLY B 53 -14.14 -39.29 -15.31
C GLY B 53 -15.42 -39.75 -14.63
N ARG B 54 -15.38 -40.00 -13.34
CA ARG B 54 -16.55 -40.43 -12.57
C ARG B 54 -17.59 -39.30 -12.34
N PRO B 55 -18.90 -39.59 -12.45
CA PRO B 55 -19.96 -38.58 -12.22
C PRO B 55 -19.99 -38.08 -10.76
N GLY B 56 -20.32 -36.80 -10.58
CA GLY B 56 -20.34 -36.15 -9.25
C GLY B 56 -18.98 -35.67 -8.77
N LEU B 57 -17.95 -35.81 -9.62
CA LEU B 57 -16.58 -35.27 -9.37
C LEU B 57 -16.13 -34.18 -10.39
N VAL B 58 -15.77 -32.99 -9.88
CA VAL B 58 -15.14 -31.93 -10.69
C VAL B 58 -13.68 -31.61 -10.24
N ILE B 59 -12.74 -31.58 -11.18
CA ILE B 59 -11.33 -31.29 -10.85
C ILE B 59 -10.97 -29.86 -11.28
N VAL B 60 -10.34 -29.07 -10.39
CA VAL B 60 -10.00 -27.64 -10.62
C VAL B 60 -8.49 -27.33 -10.46
N GLU B 61 -7.84 -26.79 -11.53
CA GLU B 61 -6.47 -26.25 -11.43
C GLU B 61 -6.47 -24.74 -11.10
N SER B 62 -5.76 -24.36 -10.03
CA SER B 62 -5.63 -22.96 -9.62
C SER B 62 -4.15 -22.68 -9.35
N ASP B 63 -3.55 -21.84 -10.22
CA ASP B 63 -2.11 -21.52 -10.24
C ASP B 63 -1.81 -20.01 -10.00
N GLU B 64 -0.58 -19.73 -9.56
CA GLU B 64 -0.02 -18.35 -9.62
C GLU B 64 0.07 -17.87 -11.10
N ASP B 65 0.64 -18.72 -11.95
CA ASP B 65 0.81 -18.42 -13.36
C ASP B 65 -0.45 -18.75 -14.21
N VAL B 66 -1.15 -17.69 -14.60
CA VAL B 66 -2.36 -17.77 -15.43
C VAL B 66 -2.17 -18.55 -16.79
N LEU B 67 -0.95 -18.58 -17.31
CA LEU B 67 -0.66 -19.30 -18.57
C LEU B 67 -0.39 -20.82 -18.46
N LEU B 68 -0.14 -21.31 -17.24
CA LEU B 68 0.33 -22.70 -17.06
C LEU B 68 -0.65 -23.83 -17.48
N TYR B 69 -1.92 -23.68 -17.12
CA TYR B 69 -2.97 -24.67 -17.51
C TYR B 69 -2.95 -25.01 -19.04
N ASP B 70 -2.74 -24.01 -19.87
CA ASP B 70 -2.76 -24.19 -21.34
C ASP B 70 -1.54 -24.97 -21.85
N THR B 71 -0.51 -25.13 -21.00
CA THR B 71 0.64 -25.99 -21.36
C THR B 71 0.43 -27.48 -21.01
N GLY B 72 -0.67 -27.79 -20.31
CA GLY B 72 -1.01 -29.17 -19.94
C GLY B 72 -1.63 -29.26 -18.55
N HIS B 73 -2.64 -30.12 -18.39
CA HIS B 73 -3.33 -30.30 -17.11
C HIS B 73 -3.85 -31.73 -16.96
N ILE B 74 -4.32 -32.08 -15.75
CA ILE B 74 -4.95 -33.37 -15.45
C ILE B 74 -6.23 -33.57 -16.30
N PRO B 75 -6.42 -34.77 -16.93
CA PRO B 75 -7.58 -34.94 -17.84
C PRO B 75 -8.93 -34.64 -17.18
N GLY B 76 -9.74 -33.83 -17.85
CA GLY B 76 -11.04 -33.38 -17.32
C GLY B 76 -11.02 -32.13 -16.45
N ALA B 77 -9.84 -31.62 -16.10
CA ALA B 77 -9.75 -30.47 -15.19
C ALA B 77 -10.16 -29.16 -15.84
N VAL B 78 -10.86 -28.32 -15.07
CA VAL B 78 -11.20 -26.94 -15.45
C VAL B 78 -10.24 -25.93 -14.80
N LYS B 79 -10.26 -24.69 -15.27
CA LYS B 79 -9.35 -23.67 -14.75
C LYS B 79 -10.09 -22.57 -13.95
N ILE B 80 -9.52 -22.17 -12.82
CA ILE B 80 -10.00 -20.96 -12.13
C ILE B 80 -8.81 -20.04 -11.92
N ASP B 81 -8.94 -18.77 -12.30
CA ASP B 81 -7.90 -17.75 -12.07
C ASP B 81 -8.30 -16.80 -10.94
N TRP B 82 -7.54 -16.82 -9.84
CA TRP B 82 -7.88 -16.07 -8.60
C TRP B 82 -8.11 -14.58 -8.85
N HIS B 83 -7.27 -14.01 -9.70
CA HIS B 83 -7.34 -12.59 -10.00
C HIS B 83 -8.59 -12.19 -10.83
N THR B 84 -8.86 -12.90 -11.94
CA THR B 84 -10.00 -12.50 -12.80
C THR B 84 -11.35 -13.07 -12.38
N ASP B 85 -11.35 -14.26 -11.76
CA ASP B 85 -12.60 -14.96 -11.43
C ASP B 85 -13.11 -14.70 -9.99
N LEU B 86 -12.21 -14.41 -9.04
CA LEU B 86 -12.59 -14.36 -7.63
C LEU B 86 -12.59 -12.96 -6.93
N ASN B 87 -12.08 -11.93 -7.62
CA ASN B 87 -11.97 -10.56 -7.08
C ASN B 87 -12.99 -9.59 -7.72
N ASP B 88 -13.52 -8.67 -6.93
CA ASP B 88 -14.30 -7.54 -7.47
C ASP B 88 -13.40 -6.72 -8.41
N PRO B 89 -13.90 -6.32 -9.59
CA PRO B 89 -13.10 -5.49 -10.54
C PRO B 89 -12.77 -4.05 -10.07
N ALA B 90 -13.48 -3.51 -9.06
CA ALA B 90 -13.31 -2.08 -8.67
C ALA B 90 -12.76 -1.83 -7.25
N VAL B 91 -13.35 -2.50 -6.23
CA VAL B 91 -12.90 -2.33 -4.85
C VAL B 91 -12.00 -3.49 -4.41
N ARG B 92 -11.15 -3.27 -3.38
CA ARG B 92 -10.35 -4.38 -2.84
C ARG B 92 -11.25 -5.28 -1.95
N ASP B 93 -11.80 -6.33 -2.56
CA ASP B 93 -12.69 -7.31 -1.89
C ASP B 93 -12.91 -8.52 -2.83
N TYR B 94 -13.45 -9.62 -2.28
CA TYR B 94 -13.86 -10.77 -3.12
C TYR B 94 -15.21 -10.49 -3.78
N ILE B 95 -15.56 -11.32 -4.77
CA ILE B 95 -16.89 -11.29 -5.41
C ILE B 95 -18.02 -11.60 -4.40
N ASN B 96 -19.27 -11.35 -4.79
CA ASN B 96 -20.47 -11.67 -3.96
C ASN B 96 -21.17 -13.03 -4.32
N GLY B 97 -22.17 -13.44 -3.54
CA GLY B 97 -22.95 -14.70 -3.80
C GLY B 97 -23.59 -14.88 -5.17
N GLU B 98 -24.19 -13.80 -5.69
CA GLU B 98 -24.79 -13.78 -7.02
C GLU B 98 -23.74 -14.07 -8.09
N GLN B 99 -22.58 -13.42 -7.97
CA GLN B 99 -21.46 -13.65 -8.87
C GLN B 99 -20.77 -15.01 -8.69
N PHE B 100 -20.71 -15.55 -7.46
CA PHE B 100 -20.16 -16.90 -7.23
C PHE B 100 -21.03 -18.00 -7.88
N ALA B 101 -22.36 -17.86 -7.77
CA ALA B 101 -23.29 -18.78 -8.45
C ALA B 101 -23.08 -18.82 -9.99
N ALA B 102 -23.01 -17.64 -10.61
CA ALA B 102 -22.75 -17.55 -12.05
C ALA B 102 -21.45 -18.24 -12.45
N LEU B 103 -20.39 -18.05 -11.65
CA LEU B 103 -19.11 -18.70 -11.95
C LEU B 103 -19.20 -20.25 -11.88
N MET B 104 -19.88 -20.78 -10.87
CA MET B 104 -20.06 -22.25 -10.74
C MET B 104 -20.77 -22.88 -11.96
N ASP B 105 -21.87 -22.26 -12.38
CA ASP B 105 -22.60 -22.62 -13.59
C ASP B 105 -21.70 -22.67 -14.84
N ARG B 106 -20.93 -21.61 -15.09
CA ARG B 106 -20.01 -21.56 -16.25
C ARG B 106 -18.94 -22.65 -16.19
N LYS B 107 -18.55 -23.05 -14.98
CA LYS B 107 -17.53 -24.11 -14.80
C LYS B 107 -18.08 -25.53 -14.67
N GLY B 108 -19.38 -25.70 -14.70
CA GLY B 108 -20.01 -27.03 -14.57
C GLY B 108 -19.99 -27.68 -13.18
N VAL B 109 -19.93 -26.86 -12.14
CA VAL B 109 -19.98 -27.32 -10.73
C VAL B 109 -21.40 -27.18 -10.13
N THR B 110 -21.97 -28.28 -9.61
CA THR B 110 -23.25 -28.22 -8.86
C THR B 110 -23.04 -28.19 -7.32
N ARG B 111 -24.08 -27.82 -6.56
CA ARG B 111 -23.99 -27.79 -5.08
C ARG B 111 -23.63 -29.16 -4.49
N ASP B 112 -24.06 -30.24 -5.15
CA ASP B 112 -23.80 -31.62 -4.70
C ASP B 112 -22.47 -32.27 -5.13
N ASP B 113 -21.69 -31.66 -6.00
CA ASP B 113 -20.41 -32.26 -6.45
C ASP B 113 -19.26 -32.22 -5.41
N THR B 114 -18.43 -33.26 -5.40
CA THR B 114 -17.12 -33.26 -4.78
C THR B 114 -16.14 -32.42 -5.67
N VAL B 115 -15.54 -31.38 -5.09
CA VAL B 115 -14.55 -30.56 -5.82
C VAL B 115 -13.14 -30.88 -5.28
N VAL B 116 -12.23 -31.30 -6.16
CA VAL B 116 -10.78 -31.50 -5.83
C VAL B 116 -9.94 -30.42 -6.51
N ILE B 117 -9.22 -29.63 -5.70
CA ILE B 117 -8.42 -28.51 -6.20
C ILE B 117 -6.92 -28.83 -6.07
N TYR B 118 -6.14 -28.40 -7.07
CA TYR B 118 -4.66 -28.63 -7.13
C TYR B 118 -3.98 -27.47 -7.91
N GLY B 119 -2.66 -27.28 -7.73
CA GLY B 119 -1.90 -26.29 -8.54
C GLY B 119 -0.38 -26.24 -8.32
N ASP B 120 0.27 -25.26 -8.93
CA ASP B 120 1.73 -25.10 -8.85
C ASP B 120 2.14 -24.55 -7.46
N LYS B 121 3.44 -24.26 -7.29
CA LYS B 121 3.93 -23.60 -6.07
C LYS B 121 3.42 -24.26 -4.76
N SER B 122 3.59 -25.58 -4.63
CA SER B 122 3.21 -26.34 -3.42
C SER B 122 1.73 -26.15 -2.97
N ASN B 123 0.84 -25.90 -3.93
CA ASN B 123 -0.58 -25.72 -3.64
C ASN B 123 -0.92 -24.39 -2.95
N TRP B 124 -0.04 -23.35 -3.00
CA TRP B 124 -0.37 -22.02 -2.42
C TRP B 124 -1.71 -21.49 -2.91
N TRP B 125 -1.90 -21.43 -4.23
CA TRP B 125 -3.16 -20.85 -4.79
C TRP B 125 -4.35 -21.82 -4.77
N ALA B 126 -4.06 -23.13 -4.65
CA ALA B 126 -5.12 -24.14 -4.51
C ALA B 126 -5.79 -24.00 -3.15
N ALA B 127 -4.97 -23.84 -2.10
CA ALA B 127 -5.46 -23.53 -0.75
C ALA B 127 -6.24 -22.20 -0.66
N TYR B 128 -5.82 -21.18 -1.42
CA TYR B 128 -6.52 -19.88 -1.42
C TYR B 128 -7.93 -20.05 -2.03
N ALA B 129 -8.00 -20.76 -3.17
CA ALA B 129 -9.30 -21.03 -3.82
C ALA B 129 -10.28 -21.82 -2.89
N MET B 130 -9.73 -22.81 -2.17
CA MET B 130 -10.49 -23.59 -1.15
C MET B 130 -11.03 -22.68 -0.03
N TRP B 131 -10.18 -21.81 0.50
CA TRP B 131 -10.60 -20.76 1.45
C TRP B 131 -11.78 -19.87 0.95
N VAL B 132 -11.71 -19.42 -0.30
CA VAL B 132 -12.81 -18.67 -0.94
C VAL B 132 -14.12 -19.48 -1.07
N PHE B 133 -14.02 -20.76 -1.50
CA PHE B 133 -15.21 -21.66 -1.54
C PHE B 133 -15.91 -21.77 -0.17
N HIS B 134 -15.12 -21.84 0.91
CA HIS B 134 -15.61 -21.90 2.30
C HIS B 134 -16.41 -20.64 2.70
N LEU B 135 -16.06 -19.48 2.15
CA LEU B 135 -16.87 -18.26 2.34
C LEU B 135 -18.31 -18.43 1.83
N PHE B 136 -18.50 -19.27 0.80
CA PHE B 136 -19.85 -19.57 0.24
C PHE B 136 -20.43 -20.93 0.69
N GLY B 137 -19.74 -21.61 1.60
CA GLY B 137 -20.28 -22.85 2.19
C GLY B 137 -20.41 -24.08 1.29
N HIS B 138 -19.59 -24.17 0.24
CA HIS B 138 -19.66 -25.37 -0.62
C HIS B 138 -19.41 -26.63 0.23
N PRO B 139 -20.35 -27.62 0.20
CA PRO B 139 -20.23 -28.69 1.21
C PRO B 139 -18.96 -29.60 1.17
N ASP B 140 -18.50 -30.02 -0.02
CA ASP B 140 -17.40 -31.00 -0.14
C ASP B 140 -16.27 -30.49 -1.05
N VAL B 141 -15.24 -29.90 -0.44
CA VAL B 141 -14.01 -29.45 -1.12
C VAL B 141 -12.76 -30.16 -0.51
N ARG B 142 -11.82 -30.62 -1.34
CA ARG B 142 -10.62 -31.35 -0.91
C ARG B 142 -9.38 -30.88 -1.71
N LEU B 143 -8.16 -31.02 -1.16
CA LEU B 143 -6.91 -30.79 -1.93
C LEU B 143 -6.20 -32.09 -2.38
N LEU B 144 -5.53 -32.05 -3.54
CA LEU B 144 -4.65 -33.14 -3.97
C LEU B 144 -3.26 -33.01 -3.32
N ASP B 145 -2.92 -33.91 -2.39
CA ASP B 145 -1.60 -33.90 -1.73
C ASP B 145 -0.44 -33.95 -2.76
N GLY B 146 0.50 -32.99 -2.67
CA GLY B 146 1.60 -32.86 -3.66
C GLY B 146 1.33 -31.91 -4.84
N GLY B 147 0.04 -31.66 -5.10
CA GLY B 147 -0.42 -30.77 -6.20
C GLY B 147 0.08 -31.08 -7.61
N ARG B 148 0.16 -30.05 -8.43
CA ARG B 148 0.62 -30.17 -9.83
C ARG B 148 2.10 -30.57 -9.91
N ASP B 149 2.93 -30.04 -9.02
CA ASP B 149 4.37 -30.37 -9.02
C ASP B 149 4.57 -31.89 -8.99
N LEU B 150 3.96 -32.58 -8.02
CA LEU B 150 4.17 -34.02 -7.89
C LEU B 150 3.56 -34.85 -9.04
N TRP B 151 2.39 -34.41 -9.52
CA TRP B 151 1.67 -35.12 -10.59
C TRP B 151 2.57 -35.20 -11.81
N VAL B 152 3.14 -34.05 -12.18
CA VAL B 152 4.01 -33.92 -13.34
C VAL B 152 5.37 -34.60 -13.12
N SER B 153 6.02 -34.36 -11.98
CA SER B 153 7.34 -34.99 -11.76
C SER B 153 7.34 -36.54 -11.70
N THR B 154 6.21 -37.15 -11.34
CA THR B 154 6.07 -38.62 -11.32
C THR B 154 5.64 -39.20 -12.69
N GLY B 155 5.59 -38.37 -13.74
CA GLY B 155 5.24 -38.82 -15.10
C GLY B 155 3.80 -39.28 -15.36
N ARG B 156 2.82 -38.74 -14.63
CA ARG B 156 1.41 -39.13 -14.83
C ARG B 156 0.78 -38.39 -16.05
N ASP B 157 -0.34 -38.90 -16.58
CA ASP B 157 -0.91 -38.37 -17.85
C ASP B 157 -1.43 -36.92 -17.75
N THR B 158 -1.12 -36.11 -18.76
CA THR B 158 -1.70 -34.76 -18.92
C THR B 158 -2.30 -34.56 -20.34
N THR B 159 -3.08 -33.49 -20.51
CA THR B 159 -3.75 -33.16 -21.79
C THR B 159 -3.88 -31.65 -22.01
N LEU B 160 -3.99 -31.26 -23.28
CA LEU B 160 -4.23 -29.86 -23.64
C LEU B 160 -5.73 -29.58 -23.84
N GLU B 161 -6.50 -30.66 -23.91
CA GLU B 161 -7.94 -30.60 -24.12
C GLU B 161 -8.72 -29.82 -23.01
N VAL B 162 -9.55 -28.86 -23.43
CA VAL B 162 -10.39 -28.07 -22.52
C VAL B 162 -11.84 -28.56 -22.54
N PRO B 163 -12.36 -28.98 -21.37
CA PRO B 163 -13.74 -29.50 -21.23
C PRO B 163 -14.81 -28.49 -21.65
N THR B 164 -15.93 -28.98 -22.19
CA THR B 164 -17.07 -28.11 -22.57
C THR B 164 -18.31 -28.15 -21.62
N ARG B 165 -18.42 -29.15 -20.75
CA ARG B 165 -19.49 -29.20 -19.70
C ARG B 165 -19.89 -27.81 -19.11
N GLN B 166 -21.20 -27.57 -19.00
CA GLN B 166 -21.81 -26.36 -18.39
C GLN B 166 -23.02 -26.86 -17.59
N THR B 167 -23.34 -26.23 -16.46
CA THR B 167 -24.53 -26.56 -15.65
C THR B 167 -25.33 -25.28 -15.30
N SER B 168 -26.46 -25.41 -14.59
CA SER B 168 -27.31 -24.26 -14.23
C SER B 168 -28.01 -24.45 -12.86
N GLY B 169 -28.39 -23.35 -12.22
CA GLY B 169 -29.04 -23.41 -10.90
C GLY B 169 -28.22 -23.50 -9.61
N TYR B 170 -26.90 -23.27 -9.64
CA TYR B 170 -26.17 -23.15 -8.37
C TYR B 170 -26.88 -22.08 -7.51
N PRO B 171 -27.14 -22.36 -6.21
CA PRO B 171 -27.90 -21.40 -5.37
C PRO B 171 -27.15 -20.09 -5.05
N VAL B 172 -27.91 -19.00 -4.92
CA VAL B 172 -27.38 -17.69 -4.47
C VAL B 172 -27.32 -17.66 -2.93
N VAL B 173 -26.11 -17.59 -2.39
CA VAL B 173 -25.88 -17.62 -0.95
C VAL B 173 -25.29 -16.27 -0.47
N GLU B 174 -25.59 -15.87 0.78
CA GLU B 174 -24.95 -14.69 1.36
C GLU B 174 -23.50 -15.01 1.85
N ARG B 175 -22.49 -14.27 1.35
CA ARG B 175 -21.08 -14.51 1.78
C ARG B 175 -20.92 -14.43 3.33
N ASN B 176 -20.25 -15.41 3.93
CA ASN B 176 -20.09 -15.54 5.42
C ASN B 176 -18.62 -15.36 5.85
N ASP B 177 -18.20 -14.10 6.05
CA ASP B 177 -16.80 -13.77 6.35
C ASP B 177 -16.37 -14.07 7.80
N ALA B 178 -17.23 -13.75 8.78
CA ALA B 178 -16.82 -13.76 10.21
C ALA B 178 -16.01 -14.99 10.71
N PRO B 179 -16.45 -16.23 10.39
CA PRO B 179 -15.74 -17.41 10.95
C PRO B 179 -14.27 -17.61 10.52
N ILE B 180 -13.89 -17.18 9.32
CA ILE B 180 -12.55 -17.48 8.78
C ILE B 180 -11.69 -16.27 8.31
N ARG B 181 -12.22 -15.03 8.42
CA ARG B 181 -11.55 -13.81 7.93
C ARG B 181 -11.46 -12.72 9.04
N ALA B 182 -10.26 -12.09 9.15
CA ALA B 182 -9.98 -10.99 10.09
C ALA B 182 -9.74 -9.68 9.34
N PHE B 183 -10.32 -8.58 9.83
CA PHE B 183 -10.04 -7.25 9.26
C PHE B 183 -9.02 -6.49 10.15
N LYS B 184 -8.46 -5.39 9.62
CA LYS B 184 -7.47 -4.58 10.36
C LYS B 184 -7.88 -4.23 11.82
N ASP B 185 -9.13 -3.83 12.04
CA ASP B 185 -9.56 -3.49 13.41
C ASP B 185 -9.66 -4.72 14.34
N ASP B 186 -10.00 -5.89 13.79
CA ASP B 186 -9.98 -7.14 14.56
C ASP B 186 -8.57 -7.43 15.08
N VAL B 187 -7.56 -7.19 14.25
CA VAL B 187 -6.15 -7.43 14.63
C VAL B 187 -5.68 -6.51 15.78
N LEU B 188 -5.89 -5.20 15.61
CA LEU B 188 -5.56 -4.22 16.66
C LEU B 188 -6.16 -4.58 18.02
N ARG B 189 -7.41 -5.04 18.05
CA ARG B 189 -8.08 -5.39 19.30
C ARG B 189 -7.46 -6.58 20.05
N VAL B 190 -6.76 -7.48 19.38
CA VAL B 190 -6.22 -8.66 20.07
C VAL B 190 -4.72 -8.67 20.30
N LEU B 191 -4.02 -7.63 19.89
CA LEU B 191 -2.58 -7.56 20.10
C LEU B 191 -2.20 -7.80 21.57
N GLY B 192 -1.47 -8.90 21.83
CA GLY B 192 -1.10 -9.27 23.20
C GLY B 192 -1.99 -10.33 23.85
N LYS B 193 -3.14 -10.60 23.23
CA LYS B 193 -4.17 -11.52 23.79
C LYS B 193 -4.33 -12.82 22.99
N GLU B 194 -3.91 -12.84 21.73
CA GLU B 194 -3.99 -14.06 20.91
C GLU B 194 -2.75 -14.22 20.01
N PRO B 195 -2.40 -15.48 19.64
CA PRO B 195 -1.19 -15.68 18.81
C PRO B 195 -1.35 -15.10 17.41
N LEU B 196 -0.34 -14.36 16.96
CA LEU B 196 -0.34 -13.77 15.65
C LEU B 196 0.87 -14.33 14.89
N ILE B 197 0.62 -14.95 13.73
CA ILE B 197 1.62 -15.77 13.03
C ILE B 197 1.93 -15.23 11.63
N ASP B 198 3.17 -14.76 11.44
CA ASP B 198 3.65 -14.14 10.19
C ASP B 198 4.35 -15.23 9.39
N VAL B 199 3.85 -15.51 8.18
CA VAL B 199 4.31 -16.69 7.44
C VAL B 199 5.22 -16.38 6.26
N ARG B 200 5.75 -15.16 6.22
CA ARG B 200 6.67 -14.73 5.14
C ARG B 200 8.10 -15.22 5.39
N SER B 201 9.01 -14.99 4.44
CA SER B 201 10.43 -15.34 4.61
C SER B 201 11.04 -14.56 5.80
N PRO B 202 12.16 -15.07 6.39
CA PRO B 202 12.79 -14.40 7.54
C PRO B 202 13.19 -12.95 7.28
N GLN B 203 13.68 -12.67 6.06
CA GLN B 203 14.12 -11.33 5.65
C GLN B 203 12.94 -10.36 5.53
N GLU B 204 11.77 -10.88 5.18
CA GLU B 204 10.55 -10.05 5.18
C GLU B 204 10.12 -9.68 6.59
N TYR B 205 10.10 -10.68 7.48
CA TYR B 205 9.73 -10.52 8.89
C TYR B 205 10.54 -9.45 9.63
N THR B 206 11.87 -9.39 9.42
CA THR B 206 12.74 -8.43 10.12
C THR B 206 12.64 -7.01 9.58
N GLY B 207 12.19 -6.88 8.34
CA GLY B 207 12.15 -5.59 7.65
C GLY B 207 13.34 -5.28 6.75
N GLU B 208 14.31 -6.20 6.71
CA GLU B 208 15.43 -6.10 5.76
C GLU B 208 14.94 -6.14 4.29
N ARG B 209 13.95 -6.98 4.02
CA ARG B 209 13.21 -6.97 2.76
C ARG B 209 11.72 -6.96 3.13
N GLU B 217 4.03 -3.12 -7.35
CA GLU B 217 2.72 -3.79 -7.30
C GLU B 217 2.46 -4.39 -5.90
N GLU B 218 3.49 -5.03 -5.32
CA GLU B 218 3.41 -5.54 -3.94
C GLU B 218 4.43 -4.97 -2.93
N GLY B 219 5.15 -3.90 -3.32
CA GLY B 219 6.04 -3.17 -2.39
C GLY B 219 5.25 -2.46 -1.29
N ALA B 220 5.94 -2.02 -0.27
CA ALA B 220 5.32 -1.23 0.79
C ALA B 220 6.28 -0.11 1.20
N LEU B 221 5.72 0.99 1.66
CA LEU B 221 6.54 2.10 2.16
C LEU B 221 7.33 1.81 3.47
N ARG B 222 6.85 0.91 4.32
CA ARG B 222 7.62 0.50 5.51
C ARG B 222 7.85 -1.01 5.55
N GLY B 223 8.96 -1.46 6.16
CA GLY B 223 9.23 -2.88 6.39
C GLY B 223 9.30 -3.26 7.87
N GLY B 224 9.00 -4.51 8.19
CA GLY B 224 8.94 -4.99 9.58
C GLY B 224 7.80 -5.98 9.75
N HIS B 225 7.35 -6.18 10.99
CA HIS B 225 6.17 -7.04 11.25
C HIS B 225 5.18 -6.36 12.21
N ILE B 226 3.96 -6.91 12.32
CA ILE B 226 2.94 -6.45 13.27
C ILE B 226 3.38 -6.74 14.75
N PRO B 227 3.20 -5.77 15.69
CA PRO B 227 3.75 -5.99 17.05
C PRO B 227 3.28 -7.30 17.75
N THR B 228 4.23 -8.04 18.32
CA THR B 228 4.02 -9.36 18.96
C THR B 228 4.05 -10.60 18.01
N ALA B 229 3.92 -10.38 16.70
CA ALA B 229 3.85 -11.48 15.72
C ALA B 229 5.06 -12.42 15.83
N VAL B 230 4.83 -13.72 15.64
CA VAL B 230 5.93 -14.69 15.66
C VAL B 230 6.20 -15.22 14.25
N SER B 231 7.45 -15.53 13.95
CA SER B 231 7.86 -15.98 12.61
C SER B 231 7.81 -17.52 12.45
N VAL B 232 6.84 -18.02 11.70
CA VAL B 232 6.80 -19.42 11.25
C VAL B 232 6.55 -19.43 9.73
N PRO B 233 7.62 -19.37 8.92
CA PRO B 233 7.43 -19.35 7.45
C PRO B 233 6.66 -20.58 6.95
N TRP B 234 5.69 -20.34 6.06
CA TRP B 234 4.79 -21.38 5.49
C TRP B 234 5.53 -22.69 5.09
N SER B 235 6.83 -22.56 4.75
CA SER B 235 7.73 -23.63 4.26
C SER B 235 7.80 -24.81 5.19
N LYS B 236 7.96 -24.52 6.46
CA LYS B 236 8.18 -25.57 7.44
C LYS B 236 7.14 -26.71 7.40
N ALA B 237 5.97 -26.49 6.78
CA ALA B 237 4.90 -27.49 6.75
C ALA B 237 4.88 -28.43 5.53
N ALA B 238 5.82 -28.25 4.61
CA ALA B 238 5.85 -29.02 3.35
C ALA B 238 7.23 -29.63 3.05
N TYR B 239 7.24 -30.81 2.41
CA TYR B 239 8.48 -31.43 1.87
C TYR B 239 8.87 -30.76 0.54
N ASP B 240 10.14 -30.91 0.16
CA ASP B 240 10.65 -30.41 -1.13
C ASP B 240 9.85 -30.87 -2.36
N ASP B 241 9.15 -31.99 -2.26
CA ASP B 241 8.35 -32.48 -3.37
C ASP B 241 6.93 -31.87 -3.43
N GLY B 242 6.58 -31.06 -2.44
CA GLY B 242 5.27 -30.42 -2.37
C GLY B 242 4.23 -31.02 -1.44
N ARG B 243 4.40 -32.28 -1.01
CA ARG B 243 3.48 -32.92 -0.06
C ARG B 243 3.47 -32.24 1.33
N PHE B 244 2.33 -32.29 2.03
CA PHE B 244 2.26 -31.87 3.44
C PHE B 244 3.12 -32.78 4.38
N ARG B 245 3.76 -32.19 5.38
CA ARG B 245 4.63 -32.97 6.31
C ARG B 245 3.84 -33.90 7.23
N ALA B 246 4.51 -34.95 7.72
CA ALA B 246 3.90 -35.89 8.65
C ALA B 246 3.37 -35.16 9.91
N ARG B 247 2.30 -35.68 10.50
CA ARG B 247 1.69 -35.14 11.72
C ARG B 247 2.70 -34.77 12.81
N ALA B 248 3.59 -35.71 13.14
CA ALA B 248 4.57 -35.53 14.23
C ALA B 248 5.48 -34.31 14.04
N GLU B 249 5.95 -34.09 12.81
CA GLU B 249 6.73 -32.89 12.47
C GLU B 249 5.94 -31.59 12.60
N LEU B 250 4.65 -31.66 12.31
CA LEU B 250 3.74 -30.52 12.42
C LEU B 250 3.43 -30.18 13.88
N GLU B 251 3.23 -31.20 14.71
CA GLU B 251 2.93 -31.04 16.15
C GLU B 251 3.98 -30.23 16.90
N GLU B 252 5.19 -30.22 16.37
CA GLU B 252 6.33 -29.62 17.04
C GLU B 252 6.58 -28.20 16.54
N ILE B 253 6.38 -27.95 15.25
CA ILE B 253 6.49 -26.61 14.68
C ILE B 253 5.41 -25.66 15.25
N TYR B 254 4.19 -26.18 15.45
CA TYR B 254 3.01 -25.40 15.85
C TYR B 254 2.50 -25.72 17.26
N GLY B 255 3.31 -26.44 18.04
CA GLY B 255 2.97 -26.81 19.43
C GLY B 255 2.83 -25.65 20.41
N PHE B 256 3.42 -24.51 20.09
CA PHE B 256 3.23 -23.28 20.88
C PHE B 256 1.76 -22.83 20.90
N VAL B 257 0.98 -23.20 19.89
CA VAL B 257 -0.45 -22.85 19.83
C VAL B 257 -1.23 -23.71 20.82
N LYS B 258 -1.75 -23.09 21.89
CA LYS B 258 -2.53 -23.78 22.92
C LYS B 258 -3.99 -24.00 22.50
N PRO B 259 -4.63 -25.09 22.98
CA PRO B 259 -6.01 -25.48 22.60
C PRO B 259 -7.12 -24.41 22.73
N ASP B 260 -6.99 -23.49 23.69
CA ASP B 260 -7.96 -22.39 23.88
C ASP B 260 -7.69 -21.13 23.01
N ASP B 261 -6.58 -21.15 22.27
CA ASP B 261 -6.18 -20.03 21.40
C ASP B 261 -7.07 -19.79 20.16
N LYS B 262 -7.17 -18.53 19.75
CA LYS B 262 -7.82 -18.12 18.50
C LYS B 262 -6.83 -17.34 17.62
N PRO B 263 -6.00 -18.08 16.87
CA PRO B 263 -4.89 -17.53 16.10
C PRO B 263 -5.30 -16.79 14.82
N ILE B 264 -4.51 -15.78 14.46
CA ILE B 264 -4.62 -15.08 13.18
C ILE B 264 -3.36 -15.31 12.31
N VAL B 265 -3.53 -15.66 11.03
CA VAL B 265 -2.40 -15.79 10.09
C VAL B 265 -2.33 -14.64 9.05
N TYR B 266 -1.12 -14.26 8.60
CA TYR B 266 -0.95 -13.21 7.56
C TYR B 266 0.36 -13.30 6.73
N CYS B 267 0.35 -12.68 5.54
CA CYS B 267 1.56 -12.59 4.71
CA CYS B 267 1.53 -12.62 4.67
C CYS B 267 1.61 -11.24 3.97
N ARG B 268 1.79 -11.27 2.64
CA ARG B 268 1.81 -10.03 1.82
C ARG B 268 0.38 -9.71 1.27
N ILE B 269 -0.30 -10.72 0.69
CA ILE B 269 -1.70 -10.58 0.23
C ILE B 269 -2.66 -11.73 0.64
N GLY B 270 -2.14 -12.75 1.33
CA GLY B 270 -3.05 -13.74 1.87
C GLY B 270 -3.08 -15.12 1.24
N GLU B 271 -2.16 -15.43 0.30
CA GLU B 271 -2.08 -16.76 -0.29
C GLU B 271 -1.26 -17.78 0.52
N ARG B 272 -0.14 -17.32 1.09
CA ARG B 272 0.70 -18.20 1.89
C ARG B 272 0.05 -18.45 3.26
N SER B 273 -0.65 -17.42 3.73
CA SER B 273 -1.47 -17.54 4.93
C SER B 273 -2.66 -18.48 4.74
N SER B 274 -3.20 -18.58 3.53
CA SER B 274 -4.21 -19.63 3.19
C SER B 274 -3.68 -21.04 3.37
N HIS B 275 -2.45 -21.28 2.92
CA HIS B 275 -1.77 -22.57 3.09
C HIS B 275 -1.66 -22.92 4.58
N THR B 276 -1.24 -21.95 5.41
CA THR B 276 -1.11 -22.18 6.86
C THR B 276 -2.47 -22.36 7.57
N TRP B 277 -3.51 -21.63 7.10
CA TRP B 277 -4.89 -21.83 7.57
C TRP B 277 -5.35 -23.28 7.40
N PHE B 278 -5.10 -23.87 6.22
CA PHE B 278 -5.54 -25.25 5.92
C PHE B 278 -4.83 -26.23 6.88
N VAL B 279 -3.50 -26.03 7.04
CA VAL B 279 -2.68 -26.90 7.91
C VAL B 279 -3.21 -26.92 9.36
N LEU B 280 -3.40 -25.73 9.94
CA LEU B 280 -3.88 -25.61 11.32
C LEU B 280 -5.32 -26.11 11.50
N THR B 281 -6.18 -25.86 10.51
CA THR B 281 -7.59 -26.19 10.62
C THR B 281 -7.86 -27.72 10.46
N TYR B 282 -7.43 -28.27 9.32
CA TYR B 282 -7.76 -29.67 8.94
C TYR B 282 -6.72 -30.77 9.31
N LEU B 283 -5.43 -30.44 9.25
CA LEU B 283 -4.39 -31.40 9.59
C LEU B 283 -4.17 -31.49 11.11
N LEU B 284 -4.18 -30.34 11.80
CA LEU B 284 -4.01 -30.30 13.26
C LEU B 284 -5.31 -30.24 14.08
N GLY B 285 -6.42 -29.91 13.43
CA GLY B 285 -7.73 -29.92 14.10
C GLY B 285 -7.95 -28.75 15.07
N HIS B 286 -7.37 -27.60 14.76
CA HIS B 286 -7.56 -26.42 15.60
C HIS B 286 -8.71 -25.51 15.12
N PRO B 287 -9.77 -25.38 15.96
CA PRO B 287 -10.89 -24.49 15.63
C PRO B 287 -10.52 -22.97 15.69
N ASN B 288 -11.33 -22.13 15.06
CA ASN B 288 -11.24 -20.64 15.18
C ASN B 288 -10.00 -19.90 14.62
N VAL B 289 -9.37 -20.45 13.56
CA VAL B 289 -8.25 -19.76 12.87
C VAL B 289 -8.80 -18.79 11.81
N ARG B 290 -8.29 -17.55 11.80
CA ARG B 290 -8.74 -16.54 10.84
C ARG B 290 -7.56 -16.06 10.00
N ASN B 291 -7.86 -15.72 8.73
CA ASN B 291 -6.86 -15.23 7.77
C ASN B 291 -7.00 -13.69 7.64
N TYR B 292 -5.95 -12.95 7.99
CA TYR B 292 -5.94 -11.48 7.82
C TYR B 292 -5.49 -11.19 6.38
N ASP B 293 -6.47 -11.12 5.46
CA ASP B 293 -6.18 -10.96 4.00
C ASP B 293 -5.55 -9.63 3.62
N GLY B 294 -5.91 -8.54 4.31
CA GLY B 294 -5.26 -7.22 4.09
C GLY B 294 -3.74 -7.35 4.09
N SER B 295 -3.22 -8.03 5.13
CA SER B 295 -1.83 -8.48 5.14
C SER B 295 -0.84 -7.27 5.09
N TRP B 296 0.41 -7.49 4.66
CA TRP B 296 1.41 -6.40 4.73
C TRP B 296 1.15 -5.33 3.69
N THR B 297 0.51 -5.69 2.57
CA THR B 297 0.16 -4.67 1.58
C THR B 297 -0.77 -3.58 2.15
N GLU B 298 -1.70 -3.94 3.03
CA GLU B 298 -2.48 -2.93 3.78
C GLU B 298 -1.66 -2.27 4.91
N TRP B 299 -1.23 -3.10 5.87
CA TRP B 299 -0.51 -2.65 7.08
C TRP B 299 0.75 -1.79 6.85
N GLY B 300 1.65 -2.25 5.98
CA GLY B 300 2.89 -1.51 5.65
C GLY B 300 2.73 -0.24 4.82
N ASN B 301 1.48 0.08 4.47
CA ASN B 301 1.10 1.27 3.68
C ASN B 301 0.16 2.27 4.42
N ALA B 302 -0.40 1.86 5.55
CA ALA B 302 -1.29 2.70 6.37
C ALA B 302 -0.54 3.74 7.20
N VAL B 303 -1.12 4.93 7.34
CA VAL B 303 -0.49 6.04 8.11
C VAL B 303 -0.68 5.78 9.62
N ARG B 304 0.40 5.88 10.40
CA ARG B 304 0.31 5.86 11.89
C ARG B 304 -0.20 4.57 12.56
N VAL B 305 0.23 3.42 12.04
CA VAL B 305 -0.07 2.15 12.69
C VAL B 305 1.21 1.58 13.29
N PRO B 306 1.11 0.88 14.43
CA PRO B 306 2.32 0.41 15.13
C PRO B 306 3.05 -0.74 14.38
N ILE B 307 4.38 -0.66 14.36
CA ILE B 307 5.24 -1.59 13.62
C ILE B 307 6.47 -1.91 14.50
N VAL B 308 6.91 -3.18 14.48
CA VAL B 308 8.20 -3.64 15.08
C VAL B 308 9.22 -4.10 14.02
N VAL B 309 10.41 -3.47 14.04
CA VAL B 309 11.55 -3.82 13.18
C VAL B 309 12.55 -4.76 13.90
N GLY B 310 13.18 -5.66 13.13
CA GLY B 310 14.20 -6.58 13.65
C GLY B 310 13.73 -8.00 13.94
N PRO B 311 14.64 -8.86 14.47
CA PRO B 311 14.30 -10.29 14.61
C PRO B 311 13.47 -10.65 15.86
N GLU B 312 13.23 -9.71 16.76
CA GLU B 312 12.48 -10.03 17.99
C GLU B 312 11.01 -9.56 17.83
N PRO B 313 10.03 -10.30 18.42
CA PRO B 313 8.58 -10.01 18.26
C PRO B 313 8.12 -8.62 18.69
N GLY B 314 8.56 -8.16 19.85
CA GLY B 314 8.12 -6.87 20.40
C GLY B 314 6.89 -6.94 21.29
N GLU B 315 6.59 -5.82 21.95
CA GLU B 315 5.46 -5.71 22.89
C GLU B 315 4.21 -5.13 22.24
N ALA B 316 3.04 -5.40 22.83
CA ALA B 316 1.77 -4.75 22.48
C ALA B 316 1.78 -3.24 22.83
N PRO B 317 0.96 -2.41 22.11
CA PRO B 317 1.03 -0.95 22.31
C PRO B 317 0.56 -0.43 23.68
#